data_5TMN
#
_entry.id   5TMN
#
_cell.length_a   94.100
_cell.length_b   94.100
_cell.length_c   131.400
_cell.angle_alpha   90.00
_cell.angle_beta   90.00
_cell.angle_gamma   120.00
#
_symmetry.space_group_name_H-M   'P 61 2 2'
#
loop_
_entity.id
_entity.type
_entity.pdbx_description
1 polymer THERMOLYSIN
2 non-polymer N-[(S)-({[(benzyloxy)carbonyl]amino}methyl)(hydroxy)phosphoryl]-L-leucyl-L-leucine
3 non-polymer 'CALCIUM ION'
4 non-polymer 'ZINC ION'
5 water water
#
_entity_poly.entity_id   1
_entity_poly.type   'polypeptide(L)'
_entity_poly.pdbx_seq_one_letter_code
;ITGTSTVGVGRGVLGDQKNINTTYSTYYYLQDNTRGDGIFTYDAKYRTTLPGSLWADADNQFFASYDAPAVDAHYYAGVT
YDYYKNVHNRLSYDGNNAAIRSSVHYSQGYNNAFWNGSEMVYGDGDGQTFIPLSGGIDVVAHELTHAVTDYTAGLIYQNE
SGAINEAISDIFGTLVEFYANKNPDWEIGEDVYTPGISGDSLRSMSDPAKYGDPDHYSKRYTGTQDNGGVHINSGIINKA
AYLISQGGTHYGVSVVGIGRDKLGKIFYRALTQYLTPTSNFSQLRAAAVQSATDLYGSTSQEVASVKQAFDAVGVK
;
_entity_poly.pdbx_strand_id   E
#
loop_
_chem_comp.id
_chem_comp.type
_chem_comp.name
_chem_comp.formula
0PJ peptide-like N-[(S)-({[(benzyloxy)carbonyl]amino}methyl)(hydroxy)phosphoryl]-L-leucyl-L-leucine 'C21 H34 N3 O7 P'
CA non-polymer 'CALCIUM ION' 'Ca 2'
ZN non-polymer 'ZINC ION' 'Zn 2'
#
# COMPACT_ATOMS: atom_id res chain seq x y z
N ILE A 1 -4.28 22.70 -13.54
CA ILE A 1 -3.99 23.06 -14.96
C ILE A 1 -5.10 22.80 -16.06
N THR A 2 -5.54 23.82 -16.81
CA THR A 2 -6.57 23.59 -17.84
C THR A 2 -5.91 23.38 -19.16
N GLY A 3 -6.16 22.26 -19.84
CA GLY A 3 -5.49 22.07 -21.13
C GLY A 3 -5.92 20.79 -21.85
N THR A 4 -5.13 20.35 -22.76
CA THR A 4 -5.50 19.18 -23.55
C THR A 4 -4.88 17.86 -23.02
N SER A 5 -5.73 16.79 -22.79
CA SER A 5 -5.20 15.46 -22.35
C SER A 5 -4.34 14.80 -23.40
N THR A 6 -3.13 14.26 -23.05
CA THR A 6 -2.30 13.58 -24.04
C THR A 6 -1.61 12.47 -23.35
N VAL A 7 -0.73 11.82 -24.03
CA VAL A 7 -0.02 10.73 -23.36
C VAL A 7 1.46 10.90 -23.59
N GLY A 8 2.30 10.87 -22.54
CA GLY A 8 3.75 10.98 -22.70
C GLY A 8 4.40 9.59 -22.44
N VAL A 9 5.71 9.50 -22.60
CA VAL A 9 6.41 8.22 -22.34
C VAL A 9 7.63 8.53 -21.48
N GLY A 10 8.01 7.63 -20.59
CA GLY A 10 9.15 7.88 -19.73
C GLY A 10 9.70 6.55 -19.27
N ARG A 11 10.71 6.64 -18.41
CA ARG A 11 11.38 5.51 -17.86
C ARG A 11 11.27 5.61 -16.37
N GLY A 12 10.92 4.49 -15.70
CA GLY A 12 10.81 4.53 -14.27
C GLY A 12 12.17 4.29 -13.50
N VAL A 13 12.05 4.26 -12.19
CA VAL A 13 13.20 4.05 -11.28
C VAL A 13 14.04 2.79 -11.66
N LEU A 14 13.32 1.71 -11.96
CA LEU A 14 13.92 0.44 -12.31
C LEU A 14 14.35 0.37 -13.76
N GLY A 15 14.20 1.49 -14.57
CA GLY A 15 14.68 1.49 -15.97
C GLY A 15 13.67 1.03 -17.05
N ASP A 16 12.48 0.76 -16.59
CA ASP A 16 11.38 0.29 -17.42
C ASP A 16 10.66 1.46 -18.09
N GLN A 17 10.29 1.25 -19.32
CA GLN A 17 9.57 2.22 -20.09
C GLN A 17 8.09 2.10 -19.93
N LYS A 18 7.41 3.25 -19.77
CA LYS A 18 5.97 3.23 -19.59
C LYS A 18 5.32 4.48 -20.17
N ASN A 19 4.00 4.43 -20.47
CA ASN A 19 3.28 5.61 -20.97
C ASN A 19 2.59 6.22 -19.82
N ILE A 20 2.53 7.54 -19.78
CA ILE A 20 1.85 8.14 -18.66
C ILE A 20 0.87 9.19 -19.19
N ASN A 21 -0.20 9.40 -18.46
CA ASN A 21 -1.21 10.40 -18.83
C ASN A 21 -0.76 11.81 -18.40
N THR A 22 -0.66 12.72 -19.36
CA THR A 22 -0.19 14.11 -19.10
C THR A 22 -1.26 15.14 -19.59
N THR A 23 -1.02 16.46 -19.36
CA THR A 23 -1.89 17.51 -19.78
C THR A 23 -1.07 18.53 -20.47
N TYR A 24 -1.51 19.00 -21.65
CA TYR A 24 -0.74 19.99 -22.36
C TYR A 24 -1.35 21.40 -22.31
N SER A 25 -0.52 22.35 -21.83
CA SER A 25 -0.85 23.75 -21.73
C SER A 25 0.48 24.52 -21.60
N THR A 26 1.06 24.84 -22.77
CA THR A 26 2.39 25.47 -22.95
C THR A 26 3.48 24.43 -22.63
N TYR A 27 3.40 23.88 -21.43
CA TYR A 27 4.28 22.79 -21.03
C TYR A 27 3.42 21.52 -20.95
N TYR A 28 4.05 20.37 -20.75
CA TYR A 28 3.34 19.10 -20.56
C TYR A 28 3.39 18.88 -19.06
N TYR A 29 2.28 18.74 -18.38
CA TYR A 29 2.25 18.52 -16.95
C TYR A 29 1.90 17.06 -16.55
N LEU A 30 2.38 16.64 -15.37
CA LEU A 30 2.06 15.34 -14.78
C LEU A 30 0.72 15.52 -14.11
N GLN A 31 -0.36 15.56 -14.96
CA GLN A 31 -1.72 15.70 -14.54
C GLN A 31 -2.54 14.73 -15.43
N ASP A 32 -3.11 13.74 -14.83
CA ASP A 32 -3.92 12.69 -15.52
C ASP A 32 -5.34 13.01 -15.32
N ASN A 33 -6.05 13.44 -16.41
CA ASN A 33 -7.47 13.83 -16.32
C ASN A 33 -8.50 12.70 -16.50
N THR A 34 -7.97 11.55 -16.77
CA THR A 34 -8.76 10.34 -17.00
C THR A 34 -9.23 9.60 -15.80
N ARG A 35 -8.68 9.90 -14.65
CA ARG A 35 -9.08 9.17 -13.44
C ARG A 35 -9.68 10.08 -12.38
N GLY A 36 -11.01 9.95 -12.07
CA GLY A 36 -11.68 10.77 -11.06
C GLY A 36 -11.45 12.27 -11.31
N ASP A 37 -11.16 13.00 -10.27
CA ASP A 37 -10.89 14.40 -10.40
C ASP A 37 -9.39 14.69 -10.68
N GLY A 38 -8.65 13.67 -11.09
CA GLY A 38 -7.26 13.79 -11.49
C GLY A 38 -6.19 13.20 -10.55
N ILE A 39 -5.08 12.91 -11.16
CA ILE A 39 -3.87 12.44 -10.49
C ILE A 39 -2.78 13.49 -10.90
N PHE A 40 -2.22 14.13 -9.90
CA PHE A 40 -1.23 15.21 -9.95
C PHE A 40 0.09 14.89 -9.25
N THR A 41 1.20 14.97 -9.96
CA THR A 41 2.54 14.68 -9.43
C THR A 41 3.38 15.96 -9.40
N TYR A 42 4.01 16.25 -8.21
CA TYR A 42 4.78 17.47 -7.97
C TYR A 42 6.24 17.22 -7.69
N ASP A 43 7.06 18.22 -7.99
CA ASP A 43 8.46 18.25 -7.74
C ASP A 43 8.68 18.98 -6.38
N ALA A 44 9.20 18.29 -5.33
CA ALA A 44 9.48 18.97 -4.06
C ALA A 44 10.93 19.58 -4.09
N LYS A 45 11.71 19.31 -5.13
CA LYS A 45 13.02 19.96 -5.29
C LYS A 45 14.03 19.81 -4.17
N TYR A 46 14.04 18.65 -3.47
CA TYR A 46 14.97 18.36 -2.36
C TYR A 46 14.68 19.15 -1.18
N ARG A 47 13.52 19.80 -1.16
CA ARG A 47 13.09 20.58 0.01
C ARG A 47 12.02 19.83 0.75
N THR A 48 11.54 20.38 1.87
CA THR A 48 10.52 19.77 2.69
C THR A 48 9.20 20.53 2.70
N THR A 49 9.18 21.56 1.84
CA THR A 49 8.03 22.41 1.69
C THR A 49 7.10 21.70 0.65
N LEU A 50 5.83 21.51 1.03
CA LEU A 50 4.88 20.72 0.24
C LEU A 50 3.68 21.52 -0.30
N PRO A 51 3.12 21.16 -1.50
CA PRO A 51 3.57 20.02 -2.36
C PRO A 51 4.71 20.27 -3.26
N GLY A 52 5.13 21.57 -3.47
CA GLY A 52 6.20 21.84 -4.42
C GLY A 52 5.53 22.39 -5.71
N SER A 53 6.13 22.17 -6.90
CA SER A 53 5.63 22.67 -8.17
C SER A 53 4.98 21.57 -8.96
N LEU A 54 3.81 21.82 -9.57
CA LEU A 54 3.21 20.77 -10.38
C LEU A 54 4.28 20.38 -11.42
N TRP A 55 4.51 19.08 -11.65
CA TRP A 55 5.59 18.70 -12.55
C TRP A 55 5.36 19.13 -14.04
N ALA A 56 6.24 19.96 -14.58
CA ALA A 56 6.25 20.52 -15.95
C ALA A 56 7.42 20.04 -16.73
N ASP A 57 7.16 19.63 -17.98
CA ASP A 57 8.20 19.14 -18.86
C ASP A 57 7.96 19.74 -20.24
N ALA A 58 9.00 20.10 -20.94
CA ALA A 58 8.86 20.74 -22.24
C ALA A 58 8.44 19.89 -23.42
N ASP A 59 8.79 18.61 -23.42
CA ASP A 59 8.52 17.77 -24.55
C ASP A 59 7.71 16.47 -24.36
N ASN A 60 7.09 16.24 -23.15
CA ASN A 60 6.29 15.00 -22.99
C ASN A 60 7.08 13.68 -23.00
N GLN A 61 8.41 13.75 -22.87
CA GLN A 61 9.32 12.64 -22.78
C GLN A 61 10.02 12.74 -21.44
N PHE A 62 9.91 11.70 -20.61
CA PHE A 62 10.50 11.74 -19.25
C PHE A 62 11.58 10.69 -19.08
N PHE A 63 12.69 10.84 -19.80
CA PHE A 63 13.77 9.92 -19.69
C PHE A 63 15.01 10.39 -18.87
N ALA A 64 14.95 11.52 -18.25
CA ALA A 64 16.07 11.97 -17.46
C ALA A 64 16.10 11.28 -16.12
N SER A 65 17.25 11.10 -15.51
CA SER A 65 17.24 10.39 -14.23
C SER A 65 16.42 11.10 -13.16
N TYR A 66 16.43 12.44 -13.21
CA TYR A 66 15.65 13.21 -12.26
C TYR A 66 14.10 12.96 -12.40
N ASP A 67 13.64 12.57 -13.64
CA ASP A 67 12.24 12.29 -14.01
C ASP A 67 11.72 10.95 -13.43
N ALA A 68 12.60 9.95 -13.31
CA ALA A 68 12.22 8.58 -12.87
C ALA A 68 11.22 8.41 -11.73
N PRO A 69 11.53 8.98 -10.60
CA PRO A 69 10.63 8.85 -9.46
C PRO A 69 9.26 9.51 -9.73
N ALA A 70 9.19 10.57 -10.57
CA ALA A 70 7.93 11.23 -10.87
C ALA A 70 7.10 10.31 -11.79
N VAL A 71 7.79 9.72 -12.78
CA VAL A 71 7.11 8.77 -13.70
C VAL A 71 6.39 7.63 -12.95
N ASP A 72 7.12 6.96 -12.02
CA ASP A 72 6.57 5.86 -11.23
C ASP A 72 5.53 6.30 -10.23
N ALA A 73 5.68 7.42 -9.53
CA ALA A 73 4.66 7.85 -8.50
C ALA A 73 3.32 8.11 -9.25
N HIS A 74 3.45 8.77 -10.42
CA HIS A 74 2.30 9.12 -11.30
C HIS A 74 1.61 7.85 -11.86
N TYR A 75 2.38 6.98 -12.53
CA TYR A 75 1.85 5.73 -13.11
C TYR A 75 1.27 4.80 -12.07
N TYR A 76 2.02 4.54 -10.94
CA TYR A 76 1.55 3.63 -9.91
C TYR A 76 0.37 4.16 -9.20
N ALA A 77 0.28 5.45 -9.11
CA ALA A 77 -0.95 5.95 -8.38
C ALA A 77 -2.19 5.63 -9.33
N GLY A 78 -1.99 5.71 -10.69
CA GLY A 78 -3.09 5.40 -11.64
C GLY A 78 -3.50 3.88 -11.47
N VAL A 79 -2.53 2.96 -11.42
CA VAL A 79 -2.81 1.53 -11.22
C VAL A 79 -3.62 1.25 -9.97
N THR A 80 -3.20 1.90 -8.86
CA THR A 80 -3.85 1.78 -7.58
C THR A 80 -5.26 2.28 -7.66
N TYR A 81 -5.49 3.43 -8.32
CA TYR A 81 -6.86 4.01 -8.50
C TYR A 81 -7.72 2.95 -9.26
N ASP A 82 -7.10 2.38 -10.29
CA ASP A 82 -7.74 1.35 -11.08
C ASP A 82 -8.08 0.12 -10.31
N TYR A 83 -7.18 -0.36 -9.42
CA TYR A 83 -7.46 -1.55 -8.63
C TYR A 83 -8.72 -1.27 -7.77
N TYR A 84 -8.71 -0.17 -7.05
CA TYR A 84 -9.85 0.20 -6.15
C TYR A 84 -11.23 0.33 -6.87
N LYS A 85 -11.15 0.93 -8.02
CA LYS A 85 -12.38 1.13 -8.82
C LYS A 85 -12.92 -0.20 -9.37
N ASN A 86 -12.06 -0.93 -10.10
CA ASN A 86 -12.41 -2.17 -10.75
C ASN A 86 -12.73 -3.35 -9.87
N VAL A 87 -12.00 -3.48 -8.78
CA VAL A 87 -12.17 -4.59 -7.87
C VAL A 87 -13.18 -4.26 -6.74
N HIS A 88 -13.13 -3.09 -6.20
CA HIS A 88 -13.99 -2.82 -5.07
C HIS A 88 -14.99 -1.81 -5.33
N ASN A 89 -15.02 -1.33 -6.57
CA ASN A 89 -15.96 -0.35 -6.92
C ASN A 89 -15.88 0.94 -6.05
N ARG A 90 -14.65 1.38 -5.71
CA ARG A 90 -14.47 2.58 -4.88
C ARG A 90 -13.81 3.59 -5.77
N LEU A 91 -14.38 4.80 -5.78
CA LEU A 91 -13.85 5.89 -6.60
C LEU A 91 -12.90 6.77 -5.77
N SER A 92 -11.58 6.58 -6.07
CA SER A 92 -10.49 7.24 -5.36
C SER A 92 -10.51 6.89 -3.86
N TYR A 93 -9.63 7.52 -3.05
CA TYR A 93 -9.55 7.23 -1.61
C TYR A 93 -10.73 7.61 -0.76
N ASP A 94 -11.45 8.67 -1.18
CA ASP A 94 -12.61 9.07 -0.40
C ASP A 94 -13.91 8.50 -0.93
N GLY A 95 -13.83 7.81 -2.04
CA GLY A 95 -14.99 7.22 -2.63
C GLY A 95 -15.84 8.18 -3.44
N ASN A 96 -15.30 9.34 -3.62
CA ASN A 96 -15.98 10.40 -4.36
C ASN A 96 -15.06 11.07 -5.35
N ASN A 97 -14.08 10.31 -5.85
CA ASN A 97 -13.17 10.78 -6.84
C ASN A 97 -12.25 11.94 -6.46
N ALA A 98 -11.87 12.04 -5.18
CA ALA A 98 -10.93 13.07 -4.71
C ALA A 98 -9.67 13.01 -5.56
N ALA A 99 -9.08 14.19 -5.89
CA ALA A 99 -7.81 14.25 -6.65
C ALA A 99 -6.71 13.61 -5.79
N ILE A 100 -5.85 12.91 -6.44
CA ILE A 100 -4.76 12.22 -5.75
C ILE A 100 -3.52 13.01 -6.02
N ARG A 101 -2.79 13.41 -4.99
CA ARG A 101 -1.57 14.18 -5.20
C ARG A 101 -0.37 13.53 -4.62
N SER A 102 0.72 13.56 -5.31
CA SER A 102 1.98 13.02 -4.78
C SER A 102 3.13 13.97 -5.02
N SER A 103 4.11 14.04 -4.09
CA SER A 103 5.31 14.86 -4.22
C SER A 103 6.53 13.92 -4.19
N VAL A 104 7.47 14.06 -5.12
CA VAL A 104 8.68 13.28 -5.19
C VAL A 104 9.90 14.21 -4.92
N HIS A 105 11.09 13.63 -4.69
CA HIS A 105 12.29 14.34 -4.41
C HIS A 105 12.14 15.15 -3.16
N TYR A 106 11.52 14.56 -2.20
CA TYR A 106 11.34 15.23 -0.93
C TYR A 106 12.59 15.08 -0.07
N SER A 107 13.07 16.23 0.47
CA SER A 107 14.24 16.31 1.32
C SER A 107 15.46 15.77 0.60
N GLN A 108 16.53 15.45 1.39
CA GLN A 108 17.74 14.95 0.77
C GLN A 108 18.06 13.64 1.50
N GLY A 109 18.33 12.65 0.68
CA GLY A 109 18.62 11.28 1.10
C GLY A 109 17.57 10.69 2.10
N TYR A 110 16.27 11.03 1.93
CA TYR A 110 15.15 10.63 2.78
C TYR A 110 14.74 9.18 2.52
N ASN A 111 14.89 8.37 3.58
CA ASN A 111 14.59 6.93 3.51
C ASN A 111 13.21 6.58 3.95
N ASN A 112 12.17 7.23 3.40
CA ASN A 112 10.83 6.89 3.77
C ASN A 112 9.82 7.44 2.73
N ALA A 113 8.54 7.13 2.94
CA ALA A 113 7.42 7.59 2.10
C ALA A 113 6.29 7.69 3.11
N PHE A 114 5.33 8.58 2.97
CA PHE A 114 4.21 8.74 3.91
C PHE A 114 3.05 9.46 3.24
N TRP A 115 1.92 9.32 3.92
CA TRP A 115 0.71 10.01 3.58
C TRP A 115 0.63 11.09 4.68
N ASN A 116 0.61 12.39 4.34
CA ASN A 116 0.58 13.45 5.34
C ASN A 116 -0.75 13.96 5.83
N GLY A 117 -1.86 13.26 5.50
CA GLY A 117 -3.18 13.69 5.91
C GLY A 117 -3.90 14.22 4.66
N SER A 118 -3.09 14.60 3.69
CA SER A 118 -3.60 15.11 2.41
C SER A 118 -2.96 14.77 1.09
N GLU A 119 -1.81 14.20 1.06
CA GLU A 119 -1.05 13.82 -0.15
C GLU A 119 -0.01 12.79 0.24
N MET A 120 0.55 12.12 -0.75
CA MET A 120 1.60 11.16 -0.67
C MET A 120 2.94 11.91 -0.86
N VAL A 121 4.01 11.49 -0.15
CA VAL A 121 5.33 12.07 -0.18
C VAL A 121 6.35 10.98 -0.30
N TYR A 122 7.28 11.14 -1.22
CA TYR A 122 8.32 10.06 -1.46
C TYR A 122 9.75 10.60 -1.41
N GLY A 123 10.60 9.97 -0.57
CA GLY A 123 12.00 10.37 -0.46
C GLY A 123 12.70 9.71 -1.65
N ASP A 124 13.92 10.14 -1.90
CA ASP A 124 14.71 9.55 -2.94
C ASP A 124 15.58 8.40 -2.32
N GLY A 125 15.58 8.24 -0.99
CA GLY A 125 16.47 7.19 -0.39
C GLY A 125 17.94 7.74 -0.38
N ASP A 126 18.84 7.07 0.30
CA ASP A 126 20.18 7.52 0.39
C ASP A 126 21.04 6.83 -0.62
N GLY A 127 20.45 5.95 -1.41
CA GLY A 127 21.19 5.23 -2.47
C GLY A 127 21.78 3.92 -2.02
N GLN A 128 21.61 3.61 -0.74
CA GLN A 128 22.14 2.40 -0.19
C GLN A 128 21.15 1.60 0.59
N THR A 129 20.43 2.29 1.42
CA THR A 129 19.42 1.59 2.13
C THR A 129 18.20 1.53 1.19
N PHE A 130 18.02 2.57 0.35
CA PHE A 130 16.88 2.61 -0.55
C PHE A 130 17.24 3.42 -1.72
N ILE A 131 16.53 3.16 -2.83
CA ILE A 131 16.49 3.90 -4.06
C ILE A 131 15.12 4.62 -3.96
N PRO A 132 14.80 5.57 -4.88
CA PRO A 132 13.60 6.32 -4.75
C PRO A 132 12.38 5.50 -4.49
N LEU A 133 11.72 5.81 -3.38
CA LEU A 133 10.62 4.97 -2.95
C LEU A 133 9.43 4.68 -3.83
N SER A 134 9.08 5.59 -4.73
CA SER A 134 7.94 5.37 -5.64
C SER A 134 8.23 4.30 -6.71
N GLY A 135 9.43 3.72 -6.79
CA GLY A 135 9.73 2.66 -7.78
C GLY A 135 9.14 1.28 -7.36
N GLY A 136 8.50 1.19 -6.20
CA GLY A 136 7.89 -0.03 -5.70
C GLY A 136 6.38 0.15 -5.71
N ILE A 137 5.71 -0.66 -6.54
CA ILE A 137 4.28 -0.57 -6.62
C ILE A 137 3.62 -0.86 -5.26
N ASP A 138 4.16 -1.86 -4.48
CA ASP A 138 3.58 -2.17 -3.12
C ASP A 138 3.72 -0.97 -2.20
N VAL A 139 4.85 -0.19 -2.34
CA VAL A 139 5.08 1.04 -1.55
C VAL A 139 3.98 2.13 -1.87
N VAL A 140 3.81 2.41 -3.19
CA VAL A 140 2.80 3.36 -3.72
C VAL A 140 1.43 3.00 -3.17
N ALA A 141 0.99 1.69 -3.32
CA ALA A 141 -0.32 1.24 -2.87
C ALA A 141 -0.45 1.24 -1.35
N HIS A 142 0.68 0.99 -0.65
CA HIS A 142 0.68 1.04 0.85
C HIS A 142 0.28 2.46 1.28
N GLU A 143 0.90 3.47 0.59
CA GLU A 143 0.71 4.92 0.84
C GLU A 143 -0.74 5.38 0.62
N LEU A 144 -1.27 5.02 -0.56
CA LEU A 144 -2.61 5.38 -0.99
C LEU A 144 -3.65 4.73 -0.07
N THR A 145 -3.35 3.48 0.34
CA THR A 145 -4.21 2.78 1.24
C THR A 145 -4.26 3.45 2.55
N HIS A 146 -3.20 4.17 3.04
CA HIS A 146 -3.32 4.90 4.31
C HIS A 146 -4.45 5.94 4.13
N ALA A 147 -4.57 6.55 2.96
CA ALA A 147 -5.69 7.54 2.71
C ALA A 147 -7.10 6.87 2.80
N VAL A 148 -7.22 5.67 2.17
CA VAL A 148 -8.46 4.86 2.20
C VAL A 148 -8.80 4.59 3.63
N THR A 149 -7.83 4.09 4.42
CA THR A 149 -8.13 3.82 5.88
C THR A 149 -8.62 5.08 6.66
N ASP A 150 -7.90 6.20 6.40
CA ASP A 150 -8.19 7.49 7.02
C ASP A 150 -9.64 7.91 6.74
N TYR A 151 -10.09 7.64 5.49
CA TYR A 151 -11.47 7.99 5.11
C TYR A 151 -12.54 7.02 5.51
N THR A 152 -12.16 5.80 5.86
CA THR A 152 -13.11 4.74 6.27
C THR A 152 -13.04 4.42 7.75
N ALA A 153 -12.40 3.32 8.16
CA ALA A 153 -12.30 2.96 9.60
C ALA A 153 -11.64 4.06 10.42
N GLY A 154 -10.64 4.78 9.87
CA GLY A 154 -9.99 5.85 10.63
C GLY A 154 -9.09 5.33 11.81
N LEU A 155 -8.58 4.13 11.68
CA LEU A 155 -7.74 3.49 12.68
C LEU A 155 -6.65 4.43 13.23
N ILE A 156 -6.69 4.72 14.53
CA ILE A 156 -5.66 5.60 15.17
C ILE A 156 -4.23 4.99 15.01
N TYR A 157 -3.23 5.82 14.73
CA TYR A 157 -1.89 5.32 14.48
C TYR A 157 -1.04 5.04 15.68
N GLN A 158 -1.52 4.14 16.51
CA GLN A 158 -0.74 3.72 17.67
C GLN A 158 -1.23 2.40 18.27
N ASN A 159 -0.28 1.65 18.88
CA ASN A 159 -0.69 0.37 19.51
C ASN A 159 -1.40 -0.59 18.57
N GLU A 160 -2.42 -1.34 19.04
CA GLU A 160 -3.14 -2.34 18.21
C GLU A 160 -3.83 -1.77 17.00
N SER A 161 -4.58 -0.67 17.20
CA SER A 161 -5.25 -0.12 16.02
C SER A 161 -4.27 0.34 14.97
N GLY A 162 -3.12 0.89 15.41
CA GLY A 162 -2.08 1.33 14.49
C GLY A 162 -1.41 0.16 13.77
N ALA A 163 -1.26 -0.98 14.42
CA ALA A 163 -0.66 -2.12 13.75
C ALA A 163 -1.68 -2.68 12.70
N ILE A 164 -2.97 -2.58 12.99
CA ILE A 164 -4.06 -2.98 12.02
C ILE A 164 -3.96 -2.04 10.79
N ASN A 165 -3.86 -0.73 11.10
CA ASN A 165 -3.68 0.29 10.06
C ASN A 165 -2.54 -0.06 9.10
N GLU A 166 -1.33 -0.41 9.68
CA GLU A 166 -0.13 -0.84 8.90
C GLU A 166 -0.36 -2.12 8.10
N ALA A 167 -0.94 -3.16 8.70
CA ALA A 167 -1.27 -4.47 8.08
C ALA A 167 -2.18 -4.25 6.83
N ILE A 168 -3.23 -3.43 7.01
CA ILE A 168 -4.17 -3.08 5.88
C ILE A 168 -3.38 -2.55 4.68
N SER A 169 -2.45 -1.55 4.95
CA SER A 169 -1.60 -0.94 3.93
C SER A 169 -0.70 -1.96 3.26
N ASP A 170 -0.12 -2.91 4.06
CA ASP A 170 0.77 -3.99 3.54
C ASP A 170 -0.08 -4.99 2.72
N ILE A 171 -1.24 -5.34 3.23
CA ILE A 171 -2.15 -6.33 2.58
C ILE A 171 -2.61 -5.80 1.21
N PHE A 172 -3.19 -4.58 1.18
CA PHE A 172 -3.61 -3.99 -0.09
C PHE A 172 -2.44 -3.60 -0.93
N GLY A 173 -1.29 -3.24 -0.36
CA GLY A 173 -0.19 -2.97 -1.26
C GLY A 173 0.25 -4.22 -2.06
N THR A 174 0.20 -5.40 -1.39
CA THR A 174 0.54 -6.68 -1.98
C THR A 174 -0.55 -7.10 -3.02
N LEU A 175 -1.82 -6.91 -2.67
CA LEU A 175 -2.93 -7.20 -3.62
C LEU A 175 -2.79 -6.37 -4.90
N VAL A 176 -2.41 -5.09 -4.76
CA VAL A 176 -2.23 -4.23 -5.92
C VAL A 176 -1.03 -4.79 -6.74
N GLU A 177 0.06 -5.24 -6.05
CA GLU A 177 1.21 -5.79 -6.75
C GLU A 177 0.81 -7.03 -7.59
N PHE A 178 -0.10 -7.84 -7.03
CA PHE A 178 -0.57 -9.04 -7.74
C PHE A 178 -1.46 -8.64 -8.90
N TYR A 179 -2.34 -7.64 -8.62
CA TYR A 179 -3.24 -7.09 -9.64
C TYR A 179 -2.50 -6.57 -10.88
N ALA A 180 -1.38 -5.86 -10.70
CA ALA A 180 -0.65 -5.35 -11.81
C ALA A 180 0.22 -6.42 -12.38
N ASN A 181 0.39 -7.54 -11.64
CA ASN A 181 1.20 -8.68 -12.06
C ASN A 181 2.64 -8.26 -12.25
N LYS A 182 3.08 -7.42 -11.39
CA LYS A 182 4.44 -6.94 -11.52
C LYS A 182 5.36 -7.78 -10.64
N ASN A 183 5.71 -9.01 -11.05
CA ASN A 183 6.59 -9.91 -10.24
C ASN A 183 6.07 -9.96 -8.83
N PRO A 184 4.87 -10.41 -8.63
CA PRO A 184 4.28 -10.33 -7.29
C PRO A 184 4.84 -11.29 -6.28
N ASP A 185 4.71 -10.93 -4.99
CA ASP A 185 5.20 -11.76 -3.92
C ASP A 185 4.49 -11.31 -2.68
N TRP A 186 4.87 -11.91 -1.56
CA TRP A 186 4.27 -11.58 -0.28
C TRP A 186 5.27 -10.83 0.59
N GLU A 187 6.21 -10.16 -0.08
CA GLU A 187 7.23 -9.37 0.63
C GLU A 187 6.89 -7.87 0.39
N ILE A 188 7.39 -7.00 1.29
CA ILE A 188 7.16 -5.53 1.18
C ILE A 188 8.43 -4.73 0.88
N GLY A 189 8.36 -3.87 -0.18
CA GLY A 189 9.49 -3.01 -0.49
C GLY A 189 10.68 -3.63 -1.19
N GLU A 190 10.59 -4.86 -1.61
CA GLU A 190 11.73 -5.53 -2.25
C GLU A 190 12.42 -4.89 -3.48
N ASP A 191 11.61 -4.17 -4.25
CA ASP A 191 12.10 -3.55 -5.48
C ASP A 191 12.93 -2.30 -5.23
N VAL A 192 12.73 -1.69 -4.07
CA VAL A 192 13.44 -0.41 -3.70
C VAL A 192 14.40 -0.46 -2.51
N TYR A 193 14.41 -1.56 -1.77
CA TYR A 193 15.24 -1.73 -0.60
C TYR A 193 16.62 -2.33 -0.95
N THR A 194 17.69 -1.80 -0.29
CA THR A 194 19.08 -2.24 -0.39
C THR A 194 19.47 -2.77 -1.72
N PRO A 195 19.62 -1.82 -2.60
CA PRO A 195 19.99 -2.04 -3.96
C PRO A 195 21.25 -2.90 -4.02
N GLY A 196 22.04 -2.92 -2.99
CA GLY A 196 23.18 -3.86 -3.14
C GLY A 196 22.90 -5.32 -2.67
N ILE A 197 21.78 -5.54 -1.95
CA ILE A 197 21.52 -6.87 -1.48
C ILE A 197 20.29 -7.48 -2.17
N SER A 198 20.51 -8.61 -2.74
CA SER A 198 19.45 -9.33 -3.39
C SER A 198 18.60 -10.24 -2.49
N GLY A 199 17.38 -10.40 -2.86
CA GLY A 199 16.64 -11.30 -2.08
C GLY A 199 16.08 -10.86 -0.80
N ASP A 200 16.37 -9.65 -0.32
CA ASP A 200 15.77 -9.23 0.97
C ASP A 200 14.59 -8.28 0.72
N SER A 201 13.96 -7.81 1.78
CA SER A 201 12.87 -6.90 1.68
C SER A 201 12.76 -6.25 3.04
N LEU A 202 11.89 -5.30 3.15
CA LEU A 202 11.67 -4.57 4.37
C LEU A 202 10.92 -5.39 5.43
N ARG A 203 9.85 -6.09 5.02
CA ARG A 203 9.02 -6.93 5.84
C ARG A 203 8.59 -8.08 4.98
N SER A 204 8.20 -9.20 5.68
CA SER A 204 7.75 -10.36 4.96
C SER A 204 6.37 -10.69 5.43
N MET A 205 5.36 -10.96 4.52
CA MET A 205 4.04 -11.34 5.05
C MET A 205 3.95 -12.85 5.29
N SER A 206 4.68 -13.58 4.45
CA SER A 206 4.77 -15.05 4.48
C SER A 206 5.49 -15.58 5.70
N ASP A 207 6.51 -14.85 6.17
CA ASP A 207 7.28 -15.18 7.34
C ASP A 207 7.82 -13.93 7.99
N PRO A 208 6.99 -13.25 8.77
CA PRO A 208 7.44 -12.04 9.34
C PRO A 208 8.74 -12.18 10.18
N ALA A 209 8.95 -13.36 10.79
CA ALA A 209 10.09 -13.64 11.69
C ALA A 209 11.44 -13.54 11.08
N LYS A 210 11.46 -13.67 9.78
CA LYS A 210 12.64 -13.63 8.91
C LYS A 210 13.47 -12.36 9.17
N TYR A 211 12.77 -11.25 9.50
CA TYR A 211 13.33 -9.93 9.78
C TYR A 211 13.04 -9.59 11.24
N GLY A 212 12.73 -10.57 12.07
CA GLY A 212 12.49 -10.23 13.45
C GLY A 212 11.13 -9.73 13.90
N ASP A 213 10.15 -9.72 12.99
CA ASP A 213 8.82 -9.28 13.38
C ASP A 213 8.01 -10.48 13.92
N PRO A 214 7.11 -10.24 14.92
CA PRO A 214 6.32 -11.29 15.49
C PRO A 214 5.37 -11.94 14.48
N ASP A 215 5.17 -13.28 14.65
CA ASP A 215 4.26 -14.06 13.77
C ASP A 215 3.22 -14.80 14.64
N HIS A 216 3.15 -14.34 15.89
CA HIS A 216 2.27 -14.86 16.88
C HIS A 216 2.00 -13.77 17.94
N TYR A 217 0.76 -13.73 18.47
CA TYR A 217 0.33 -12.73 19.47
C TYR A 217 1.08 -12.76 20.77
N SER A 218 1.60 -13.96 21.04
CA SER A 218 2.40 -14.13 22.25
C SER A 218 3.77 -13.42 22.12
N LYS A 219 4.18 -13.10 20.88
CA LYS A 219 5.45 -12.44 20.65
C LYS A 219 5.33 -10.97 20.34
N ARG A 220 4.16 -10.43 20.61
CA ARG A 220 3.79 -9.00 20.41
C ARG A 220 4.73 -8.07 21.18
N TYR A 221 5.12 -6.92 20.56
CA TYR A 221 5.95 -5.87 21.17
C TYR A 221 5.01 -4.97 21.98
N THR A 222 5.36 -4.77 23.24
CA THR A 222 4.57 -4.06 24.26
C THR A 222 5.15 -2.65 24.65
N GLY A 223 6.28 -2.37 24.07
CA GLY A 223 6.99 -1.14 24.24
C GLY A 223 6.35 0.09 23.61
N THR A 224 7.21 1.06 23.58
CA THR A 224 6.87 2.36 23.16
C THR A 224 7.40 2.88 21.90
N GLN A 225 8.46 2.31 21.36
CA GLN A 225 8.94 2.84 20.12
C GLN A 225 8.00 2.52 18.93
N ASP A 226 8.20 3.27 17.85
CA ASP A 226 7.40 3.07 16.62
C ASP A 226 5.96 3.12 16.89
N ASN A 227 5.59 4.06 17.69
CA ASN A 227 4.15 4.26 18.07
C ASN A 227 3.53 3.07 18.74
N GLY A 228 4.36 2.33 19.52
CA GLY A 228 3.88 1.15 20.17
C GLY A 228 4.00 -0.02 19.21
N GLY A 229 4.99 0.02 18.27
CA GLY A 229 5.24 -1.09 17.34
C GLY A 229 4.32 -1.28 16.15
N VAL A 230 3.76 -0.17 15.66
CA VAL A 230 2.84 -0.23 14.56
C VAL A 230 3.41 -1.00 13.33
N HIS A 231 4.72 -0.82 13.06
CA HIS A 231 5.39 -1.49 11.93
C HIS A 231 5.92 -2.86 12.38
N ILE A 232 5.77 -3.13 13.67
CA ILE A 232 6.29 -4.41 14.24
C ILE A 232 5.17 -5.42 14.39
N ASN A 233 4.13 -5.06 15.18
CA ASN A 233 3.01 -5.97 15.41
C ASN A 233 2.13 -6.18 14.19
N SER A 234 2.37 -5.38 13.13
CA SER A 234 1.59 -5.60 11.92
C SER A 234 1.96 -7.00 11.40
N GLY A 235 3.14 -7.51 11.73
CA GLY A 235 3.55 -8.88 11.27
C GLY A 235 2.55 -10.03 11.64
N ILE A 236 1.86 -9.89 12.83
CA ILE A 236 0.91 -10.89 13.32
C ILE A 236 -0.32 -10.96 12.40
N ILE A 237 -0.83 -9.75 11.95
CA ILE A 237 -1.98 -9.65 11.02
C ILE A 237 -1.61 -10.05 9.60
N ASN A 238 -0.43 -9.62 9.16
CA ASN A 238 0.17 -9.93 7.81
C ASN A 238 0.22 -11.45 7.60
N LYS A 239 0.73 -12.16 8.63
CA LYS A 239 0.83 -13.62 8.65
C LYS A 239 -0.58 -14.21 8.56
N ALA A 240 -1.55 -13.73 9.41
CA ALA A 240 -2.92 -14.20 9.32
C ALA A 240 -3.51 -14.05 7.94
N ALA A 241 -3.25 -12.88 7.27
CA ALA A 241 -3.75 -12.61 5.96
C ALA A 241 -3.15 -13.55 4.89
N TYR A 242 -1.85 -13.78 4.98
CA TYR A 242 -1.13 -14.69 4.11
C TYR A 242 -1.72 -16.15 4.30
N LEU A 243 -2.00 -16.58 5.53
CA LEU A 243 -2.56 -17.91 5.76
C LEU A 243 -3.97 -18.05 5.14
N ILE A 244 -4.85 -17.05 5.32
CA ILE A 244 -6.19 -17.09 4.72
C ILE A 244 -6.13 -17.29 3.20
N SER A 245 -5.22 -16.53 2.56
CA SER A 245 -5.11 -16.59 1.15
C SER A 245 -4.47 -17.89 0.64
N GLN A 246 -3.27 -18.18 1.16
CA GLN A 246 -2.44 -19.27 0.73
C GLN A 246 -2.56 -20.59 1.52
N GLY A 247 -3.00 -20.56 2.77
CA GLY A 247 -3.08 -21.83 3.51
C GLY A 247 -1.73 -22.16 4.15
N GLY A 248 -1.70 -23.21 4.99
CA GLY A 248 -0.47 -23.67 5.65
C GLY A 248 -0.76 -24.04 7.10
N THR A 249 0.25 -24.65 7.73
CA THR A 249 0.21 -25.07 9.13
C THR A 249 1.15 -24.16 9.89
N HIS A 250 0.64 -23.44 10.88
CA HIS A 250 1.50 -22.53 11.56
C HIS A 250 1.32 -22.79 13.03
N TYR A 251 2.41 -23.06 13.73
CA TYR A 251 2.38 -23.45 15.13
C TYR A 251 1.41 -24.64 15.34
N GLY A 252 1.42 -25.59 14.44
CA GLY A 252 0.53 -26.72 14.61
C GLY A 252 -0.90 -26.54 14.18
N VAL A 253 -1.36 -25.28 13.84
CA VAL A 253 -2.76 -25.05 13.41
C VAL A 253 -2.83 -25.05 11.93
N SER A 254 -3.69 -25.91 11.29
CA SER A 254 -3.79 -26.01 9.82
C SER A 254 -4.88 -25.09 9.19
N VAL A 255 -4.51 -24.37 8.13
CA VAL A 255 -5.47 -23.45 7.49
C VAL A 255 -5.60 -23.80 6.05
N VAL A 256 -6.84 -23.91 5.55
CA VAL A 256 -7.01 -24.17 4.12
C VAL A 256 -7.09 -22.80 3.43
N GLY A 257 -6.26 -22.57 2.42
CA GLY A 257 -6.30 -21.27 1.76
C GLY A 257 -7.53 -21.06 0.92
N ILE A 258 -8.07 -19.80 0.85
CA ILE A 258 -9.27 -19.51 0.03
C ILE A 258 -8.91 -18.56 -1.14
N GLY A 259 -7.62 -18.15 -1.27
CA GLY A 259 -7.18 -17.30 -2.39
C GLY A 259 -7.19 -15.78 -2.12
N ARG A 260 -6.48 -15.05 -2.95
CA ARG A 260 -6.36 -13.60 -2.82
C ARG A 260 -7.53 -12.72 -3.03
N ASP A 261 -8.32 -13.10 -4.00
CA ASP A 261 -9.54 -12.38 -4.34
C ASP A 261 -10.47 -12.33 -3.17
N LYS A 262 -10.73 -13.51 -2.58
CA LYS A 262 -11.61 -13.56 -1.40
C LYS A 262 -11.02 -12.82 -0.17
N LEU A 263 -9.69 -12.95 -0.01
CA LEU A 263 -8.97 -12.27 1.07
C LEU A 263 -9.27 -10.73 0.90
N GLY A 264 -9.04 -10.22 -0.29
CA GLY A 264 -9.30 -8.81 -0.62
C GLY A 264 -10.73 -8.42 -0.30
N LYS A 265 -11.71 -9.23 -0.75
CA LYS A 265 -13.09 -9.00 -0.48
C LYS A 265 -13.45 -8.99 0.95
N ILE A 266 -12.95 -9.98 1.72
CA ILE A 266 -13.30 -9.96 3.13
C ILE A 266 -12.62 -8.78 3.89
N PHE A 267 -11.35 -8.49 3.55
CA PHE A 267 -10.64 -7.39 4.24
C PHE A 267 -11.29 -5.95 3.97
N TYR A 268 -11.64 -5.74 2.70
CA TYR A 268 -12.26 -4.48 2.25
C TYR A 268 -13.60 -4.25 2.98
N ARG A 269 -14.39 -5.32 3.05
CA ARG A 269 -15.62 -5.17 3.73
C ARG A 269 -15.42 -4.92 5.24
N ALA A 270 -14.45 -5.61 5.91
CA ALA A 270 -14.19 -5.40 7.35
C ALA A 270 -13.81 -3.90 7.56
N LEU A 271 -12.92 -3.44 6.70
CA LEU A 271 -12.37 -2.06 6.67
C LEU A 271 -13.47 -0.97 6.54
N THR A 272 -14.33 -1.16 5.54
CA THR A 272 -15.34 -0.14 5.22
C THR A 272 -16.62 -0.25 5.98
N GLN A 273 -16.94 -1.44 6.57
CA GLN A 273 -18.20 -1.60 7.29
C GLN A 273 -18.13 -1.88 8.76
N TYR A 274 -17.08 -2.62 9.24
CA TYR A 274 -17.07 -3.00 10.66
C TYR A 274 -15.96 -2.38 11.57
N LEU A 275 -14.84 -2.07 11.02
CA LEU A 275 -13.74 -1.48 11.82
C LEU A 275 -14.00 -0.01 12.23
N THR A 276 -13.49 0.38 13.42
CA THR A 276 -13.61 1.72 13.96
C THR A 276 -12.21 2.27 14.30
N PRO A 277 -12.14 3.53 14.73
CA PRO A 277 -10.82 4.12 15.02
C PRO A 277 -9.95 3.39 16.06
N THR A 278 -10.61 2.81 17.03
CA THR A 278 -9.98 2.18 18.12
C THR A 278 -10.01 0.65 18.15
N SER A 279 -10.41 0.04 17.07
CA SER A 279 -10.50 -1.41 16.96
C SER A 279 -9.17 -2.05 17.35
N ASN A 280 -9.22 -3.19 18.07
CA ASN A 280 -8.02 -3.93 18.46
C ASN A 280 -7.94 -5.26 17.65
N PHE A 281 -6.90 -6.11 17.86
CA PHE A 281 -6.79 -7.36 17.10
C PHE A 281 -8.00 -8.30 17.24
N SER A 282 -8.52 -8.42 18.44
CA SER A 282 -9.64 -9.28 18.71
C SER A 282 -10.87 -8.73 17.96
N GLN A 283 -11.00 -7.37 17.88
CA GLN A 283 -12.11 -6.81 17.12
C GLN A 283 -11.92 -7.02 15.64
N LEU A 284 -10.70 -7.03 15.15
CA LEU A 284 -10.49 -7.28 13.75
C LEU A 284 -10.92 -8.72 13.43
N ARG A 285 -10.63 -9.66 14.33
CA ARG A 285 -11.02 -11.04 14.12
C ARG A 285 -12.53 -11.16 13.94
N ALA A 286 -13.27 -10.52 14.84
CA ALA A 286 -14.74 -10.48 14.75
C ALA A 286 -15.25 -9.86 13.44
N ALA A 287 -14.61 -8.78 13.02
CA ALA A 287 -14.93 -8.05 11.80
C ALA A 287 -14.72 -8.91 10.60
N ALA A 288 -13.55 -9.61 10.51
CA ALA A 288 -13.23 -10.48 9.36
C ALA A 288 -14.22 -11.71 9.26
N VAL A 289 -14.59 -12.29 10.42
CA VAL A 289 -15.52 -13.44 10.55
C VAL A 289 -16.91 -13.00 10.06
N GLN A 290 -17.36 -11.84 10.55
CA GLN A 290 -18.65 -11.26 10.14
C GLN A 290 -18.72 -10.92 8.66
N SER A 291 -17.62 -10.39 8.06
CA SER A 291 -17.50 -10.05 6.62
C SER A 291 -17.60 -11.29 5.75
N ALA A 292 -16.83 -12.33 6.16
CA ALA A 292 -16.80 -13.62 5.48
C ALA A 292 -18.19 -14.27 5.57
N THR A 293 -18.87 -14.11 6.72
CA THR A 293 -20.26 -14.65 6.92
C THR A 293 -21.25 -13.98 5.97
N ASP A 294 -21.14 -12.63 5.87
CA ASP A 294 -21.98 -11.82 5.02
C ASP A 294 -21.87 -12.20 3.59
N LEU A 295 -20.64 -12.46 3.19
CA LEU A 295 -20.29 -12.79 1.81
C LEU A 295 -20.46 -14.21 1.34
N TYR A 296 -20.11 -15.15 2.21
CA TYR A 296 -20.12 -16.61 1.94
C TYR A 296 -21.05 -17.51 2.83
N GLY A 297 -21.68 -17.01 3.89
CA GLY A 297 -22.52 -17.89 4.72
C GLY A 297 -21.71 -18.47 5.92
N SER A 298 -22.39 -18.55 7.04
CA SER A 298 -21.78 -19.04 8.28
C SER A 298 -21.12 -20.40 8.27
N THR A 299 -21.62 -21.24 7.40
CA THR A 299 -21.10 -22.53 7.31
C THR A 299 -20.19 -22.66 6.14
N SER A 300 -19.71 -21.58 5.62
CA SER A 300 -18.79 -21.79 4.52
C SER A 300 -17.38 -22.12 4.99
N GLN A 301 -16.58 -22.58 4.00
CA GLN A 301 -15.15 -22.83 4.13
C GLN A 301 -14.41 -21.51 4.35
N GLU A 302 -14.94 -20.44 3.75
CA GLU A 302 -14.35 -19.13 3.88
C GLU A 302 -14.39 -18.71 5.35
N VAL A 303 -15.50 -18.82 5.99
CA VAL A 303 -15.57 -18.47 7.36
C VAL A 303 -14.65 -19.36 8.22
N ALA A 304 -14.65 -20.63 7.89
CA ALA A 304 -13.82 -21.55 8.64
C ALA A 304 -12.36 -21.18 8.54
N SER A 305 -11.82 -20.88 7.31
CA SER A 305 -10.41 -20.46 7.09
C SER A 305 -9.99 -19.21 7.84
N VAL A 306 -10.94 -18.20 7.93
CA VAL A 306 -10.71 -16.96 8.69
C VAL A 306 -10.48 -17.31 10.20
N LYS A 307 -11.30 -18.16 10.79
CA LYS A 307 -11.12 -18.56 12.20
C LYS A 307 -9.80 -19.27 12.47
N GLN A 308 -9.49 -20.21 11.60
CA GLN A 308 -8.26 -21.01 11.68
C GLN A 308 -7.02 -20.11 11.65
N ALA A 309 -6.97 -19.20 10.61
CA ALA A 309 -5.90 -18.22 10.42
C ALA A 309 -5.66 -17.43 11.77
N PHE A 310 -6.69 -16.83 12.35
CA PHE A 310 -6.59 -16.09 13.58
C PHE A 310 -6.17 -17.01 14.75
N ASP A 311 -6.77 -18.18 14.83
CA ASP A 311 -6.33 -19.09 15.88
C ASP A 311 -4.84 -19.42 15.63
N ALA A 312 -4.37 -19.60 14.38
CA ALA A 312 -2.98 -19.89 14.18
C ALA A 312 -1.98 -18.84 14.74
N VAL A 313 -2.30 -17.50 14.67
CA VAL A 313 -1.47 -16.43 15.15
C VAL A 313 -1.80 -16.05 16.57
N GLY A 314 -2.69 -16.83 17.17
CA GLY A 314 -3.02 -16.58 18.58
C GLY A 314 -3.93 -15.43 18.93
N VAL A 315 -4.74 -14.99 17.92
CA VAL A 315 -5.70 -13.89 18.03
C VAL A 315 -7.06 -14.52 18.32
N LYS A 316 -7.31 -14.46 19.58
CA LYS A 316 -8.38 -15.12 20.18
C LYS A 316 -8.03 -16.67 20.49
C1 0PJ B . 4.19 7.30 8.83
O1 0PJ B . 5.07 7.30 9.66
O2 0PJ B . 3.06 7.93 8.99
C2 0PJ B . 2.77 8.75 10.20
C3 0PJ B . 2.30 10.22 9.83
C4 0PJ B . 3.14 11.01 9.07
C5 0PJ B . 2.82 12.32 8.70
C6 0PJ B . 1.63 12.82 9.09
C7 0PJ B . 0.77 12.07 9.81
C8 0PJ B . 1.10 10.76 10.21
N 0PJ B . 4.16 6.73 7.65
C 0PJ B . 5.29 6.04 7.21
P 0PJ B . 4.58 4.77 6.29
O11 0PJ B . 3.46 5.15 5.33
O21 0PJ B . 4.21 3.57 7.04
N1 0PJ B . 5.87 4.32 5.37
CA 0PJ B . 6.33 2.98 5.05
C9 0PJ B . 7.02 2.24 6.19
O 0PJ B . 6.84 1.03 6.38
CB 0PJ B . 7.25 2.94 3.80
CG 0PJ B . 7.60 1.52 3.39
CD1 0PJ B . 6.33 0.80 2.90
CD2 0PJ B . 8.65 1.59 2.26
N2 0PJ B . 7.82 2.96 6.95
CA1 0PJ B . 8.58 2.44 8.07
CC 0PJ B . 8.67 3.42 9.21
O3 0PJ B . 8.28 4.61 9.06
CB1 0PJ B . 9.94 1.77 7.65
CG1 0PJ B . 10.92 2.66 6.95
CD11 0PJ B . 12.33 2.24 7.24
CD21 0PJ B . 10.76 2.49 5.45
OXT 0PJ B . 9.06 3.06 10.37
CA CA C . 6.26 -6.93 -2.85
CA CA D . 7.62 -8.03 -6.25
CA CA E . 11.36 15.93 -21.07
CA CA F . 17.68 -5.52 -1.70
ZN ZN G . 2.41 2.62 6.57
#